data_1U1N
#
_entry.id   1U1N
#
_cell.length_a   51.752
_cell.length_b   51.752
_cell.length_c   171.258
_cell.angle_alpha   90.00
_cell.angle_beta   90.00
_cell.angle_gamma   90.00
#
_symmetry.space_group_name_H-M   'P 43 21 2'
#
loop_
_entity.id
_entity.type
_entity.pdbx_description
1 polymer "5'-D(*TP*AP*GP*GP*GP*TP*TP*AP*(PRN)P*GP*G)-3'"
2 polymer 'Heterogeneous nuclear ribonucleoprotein A1'
3 water water
#
loop_
_entity_poly.entity_id
_entity_poly.type
_entity_poly.pdbx_seq_one_letter_code
_entity_poly.pdbx_strand_id
1 'polydeoxyribonucleotide' (DT)(DA)(DG)(DG)(DG)(DT)(DT)(DA)(PRN)(DG)(DG) B
2 'polypeptide(L)'
;MSKSESPKEPEQLRKLFIGGLSFETTDESLRSHFEQWGTLTDCVVMRDPNTKRSRGFGFVTYATVEEVDAAMNARPHKVD
GRVVEPKRAVSREDSQRPGAHLTVKKIFVGGIKEDTEEHHLRDYFEQYGKIEVIEIMTDRGSGKKRGFAFVTFDDHDSVD
KIVIQKYHTVNGHNCEVRKALSKQEMASASSSQRGR
;
A
#
loop_
_chem_comp.id
_chem_comp.type
_chem_comp.name
_chem_comp.formula
DA DNA linking 2'-DEOXYADENOSINE-5'-MONOPHOSPHATE 'C10 H14 N5 O6 P'
DG DNA linking 2'-DEOXYGUANOSINE-5'-MONOPHOSPHATE 'C10 H14 N5 O7 P'
DT DNA linking THYMIDINE-5'-MONOPHOSPHATE 'C10 H15 N2 O8 P'
PRN DNA linking 'PURINE 2'-DEOXYRIBO-5'-MONOPHOSPHATE' 'C10 H13 N4 O6 P'
#
# COMPACT_ATOMS: atom_id res chain seq x y z
N1 PRN A 9 -4.57 33.36 -10.92
C2 PRN A 9 -3.29 33.89 -10.85
N3 PRN A 9 -2.67 34.14 -9.68
C4 PRN A 9 -3.44 33.82 -8.59
C5 PRN A 9 -4.71 33.28 -8.55
C6 PRN A 9 -5.37 33.01 -9.80
N7 PRN A 9 -5.13 33.10 -7.25
C8 PRN A 9 -4.12 33.51 -6.53
N9 PRN A 9 -3.06 33.95 -7.30
C1' PRN A 9 -1.78 34.47 -6.84
C2' PRN A 9 -1.79 35.57 -5.76
C3' PRN A 9 -0.54 35.26 -4.95
O3' PRN A 9 0.62 35.82 -5.61
C4' PRN A 9 -0.47 33.74 -5.05
O4' PRN A 9 -1.02 33.37 -6.32
C5' PRN A 9 -0.78 32.79 -3.91
O5' PRN A 9 0.12 33.01 -2.82
P PRN A 9 -0.42 33.06 -1.30
OP1 PRN A 9 0.70 32.74 -0.41
OP2 PRN A 9 -1.18 34.31 -1.12
N LYS B 8 2.59 5.04 -20.57
CA LYS B 8 3.29 5.91 -19.58
C LYS B 8 2.40 6.14 -18.36
N GLU B 9 2.62 5.33 -17.33
CA GLU B 9 1.85 5.42 -16.10
C GLU B 9 2.39 6.56 -15.22
N PRO B 10 1.53 7.11 -14.35
CA PRO B 10 1.93 8.21 -13.46
C PRO B 10 3.17 7.84 -12.64
N GLU B 11 4.06 8.81 -12.47
CA GLU B 11 5.28 8.61 -11.68
C GLU B 11 4.99 8.05 -10.28
N GLN B 12 3.92 8.51 -9.66
CA GLN B 12 3.59 8.04 -8.31
C GLN B 12 3.37 6.52 -8.25
N LEU B 13 2.66 5.99 -9.25
CA LEU B 13 2.37 4.56 -9.30
C LEU B 13 3.56 3.72 -9.77
N ARG B 14 4.61 4.37 -10.27
CA ARG B 14 5.79 3.66 -10.76
C ARG B 14 6.91 3.67 -9.70
N LYS B 15 6.63 4.27 -8.55
CA LYS B 15 7.61 4.41 -7.49
C LYS B 15 7.37 3.59 -6.23
N LEU B 16 8.47 3.11 -5.65
CA LEU B 16 8.44 2.32 -4.42
C LEU B 16 9.26 3.00 -3.32
N PHE B 17 8.70 3.02 -2.12
CA PHE B 17 9.38 3.55 -0.95
C PHE B 17 10.19 2.35 -0.45
N ILE B 18 11.47 2.56 -0.15
CA ILE B 18 12.32 1.47 0.34
C ILE B 18 12.75 1.82 1.76
N GLY B 19 12.18 1.13 2.75
CA GLY B 19 12.52 1.40 4.14
C GLY B 19 13.54 0.47 4.78
N GLY B 20 14.12 0.92 5.89
CA GLY B 20 15.11 0.12 6.61
C GLY B 20 16.46 -0.04 5.93
N LEU B 21 16.83 0.91 5.07
CA LEU B 21 18.10 0.86 4.38
C LEU B 21 19.28 0.88 5.32
N SER B 22 20.30 0.10 4.99
CA SER B 22 21.52 0.08 5.79
C SER B 22 22.11 1.47 5.72
N PHE B 23 22.81 1.87 6.79
CA PHE B 23 23.44 3.18 6.87
C PHE B 23 24.36 3.50 5.69
N GLU B 24 24.96 2.46 5.09
CA GLU B 24 25.89 2.67 4.00
C GLU B 24 25.32 2.57 2.58
N THR B 25 24.04 2.25 2.44
CA THR B 25 23.45 2.16 1.10
C THR B 25 23.47 3.54 0.44
N THR B 26 23.82 3.57 -0.84
CA THR B 26 23.91 4.82 -1.60
C THR B 26 23.04 4.72 -2.85
N ASP B 27 22.86 5.84 -3.54
CA ASP B 27 22.06 5.84 -4.75
C ASP B 27 22.55 4.68 -5.64
N GLU B 28 23.87 4.60 -5.78
CA GLU B 28 24.49 3.56 -6.61
C GLU B 28 24.22 2.12 -6.18
N SER B 29 24.41 1.81 -4.90
CA SER B 29 24.18 0.44 -4.45
C SER B 29 22.69 0.11 -4.52
N LEU B 30 21.83 1.07 -4.21
CA LEU B 30 20.38 0.82 -4.26
C LEU B 30 20.00 0.51 -5.69
N ARG B 31 20.50 1.32 -6.62
CA ARG B 31 20.23 1.13 -8.03
C ARG B 31 20.72 -0.24 -8.49
N SER B 32 21.96 -0.58 -8.14
CA SER B 32 22.51 -1.86 -8.55
C SER B 32 21.64 -3.04 -8.12
N HIS B 33 20.93 -2.90 -7.02
CA HIS B 33 20.07 -3.99 -6.57
C HIS B 33 18.74 -4.02 -7.32
N PHE B 34 17.98 -2.94 -7.23
CA PHE B 34 16.66 -2.89 -7.85
C PHE B 34 16.59 -2.85 -9.36
N GLU B 35 17.72 -2.57 -10.00
CA GLU B 35 17.77 -2.52 -11.45
C GLU B 35 17.59 -3.93 -12.03
N GLN B 36 17.64 -4.94 -11.17
CA GLN B 36 17.49 -6.32 -11.59
C GLN B 36 16.07 -6.68 -12.05
N TRP B 37 15.11 -5.83 -11.72
CA TRP B 37 13.72 -6.09 -12.09
C TRP B 37 13.14 -5.09 -13.08
N GLY B 38 14.01 -4.30 -13.70
CA GLY B 38 13.52 -3.34 -14.68
C GLY B 38 14.35 -2.08 -14.78
N THR B 39 13.94 -1.20 -15.68
CA THR B 39 14.64 0.06 -15.90
C THR B 39 14.23 1.09 -14.86
N LEU B 40 15.21 1.62 -14.13
CA LEU B 40 14.91 2.63 -13.12
C LEU B 40 14.99 4.00 -13.77
N THR B 41 13.98 4.83 -13.52
CA THR B 41 13.96 6.17 -14.06
C THR B 41 14.38 7.15 -12.99
N ASP B 42 14.48 6.63 -11.76
CA ASP B 42 14.87 7.42 -10.61
C ASP B 42 15.25 6.45 -9.49
N CYS B 43 16.26 6.82 -8.71
CA CYS B 43 16.74 5.98 -7.60
C CYS B 43 17.50 6.90 -6.67
N VAL B 44 17.05 7.01 -5.42
CA VAL B 44 17.71 7.93 -4.50
C VAL B 44 17.56 7.59 -3.03
N VAL B 45 18.63 7.84 -2.29
CA VAL B 45 18.65 7.62 -0.86
C VAL B 45 18.44 8.96 -0.19
N MET B 46 17.45 9.06 0.68
CA MET B 46 17.18 10.31 1.39
C MET B 46 18.18 10.45 2.53
N ARG B 47 18.72 11.65 2.68
CA ARG B 47 19.68 11.90 3.76
C ARG B 47 19.49 13.29 4.35
N ASP B 48 20.01 13.50 5.56
CA ASP B 48 19.88 14.78 6.23
C ASP B 48 20.64 15.89 5.50
N PRO B 49 19.96 17.03 5.27
CA PRO B 49 20.53 18.20 4.58
C PRO B 49 21.90 18.63 5.10
N ASN B 50 22.01 18.83 6.40
CA ASN B 50 23.27 19.25 7.00
C ASN B 50 24.32 18.15 7.07
N THR B 51 24.07 17.15 7.92
CA THR B 51 24.99 16.04 8.10
C THR B 51 25.20 15.18 6.87
N LYS B 52 24.28 15.26 5.91
CA LYS B 52 24.38 14.46 4.69
C LYS B 52 24.22 12.98 5.02
N ARG B 53 23.99 12.68 6.30
CA ARG B 53 23.80 11.31 6.76
C ARG B 53 22.50 10.72 6.21
N SER B 54 22.54 9.45 5.83
CA SER B 54 21.38 8.76 5.29
C SER B 54 20.25 8.71 6.32
N ARG B 55 19.03 8.98 5.89
CA ARG B 55 17.89 8.95 6.81
C ARG B 55 17.37 7.52 6.94
N GLY B 56 18.01 6.59 6.25
CA GLY B 56 17.62 5.20 6.34
C GLY B 56 16.50 4.73 5.43
N PHE B 57 16.23 5.49 4.37
CA PHE B 57 15.19 5.14 3.41
C PHE B 57 15.44 5.83 2.07
N GLY B 58 14.76 5.37 1.04
CA GLY B 58 14.93 5.94 -0.28
C GLY B 58 13.78 5.57 -1.20
N PHE B 59 13.89 5.93 -2.46
CA PHE B 59 12.86 5.61 -3.43
C PHE B 59 13.46 5.07 -4.72
N VAL B 60 12.75 4.14 -5.34
CA VAL B 60 13.16 3.58 -6.62
C VAL B 60 11.93 3.67 -7.53
N THR B 61 12.14 4.16 -8.74
CA THR B 61 11.05 4.32 -9.69
C THR B 61 11.37 3.58 -10.99
N TYR B 62 10.43 2.74 -11.42
CA TYR B 62 10.62 1.97 -12.66
C TYR B 62 9.90 2.60 -13.85
N ALA B 63 10.24 2.15 -15.05
CA ALA B 63 9.64 2.66 -16.27
C ALA B 63 8.15 2.29 -16.41
N THR B 64 7.74 1.19 -15.77
CA THR B 64 6.35 0.75 -15.82
C THR B 64 5.94 0.12 -14.49
N VAL B 65 4.63 0.04 -14.24
CA VAL B 65 4.17 -0.55 -12.99
C VAL B 65 4.35 -2.06 -13.02
N GLU B 66 4.44 -2.63 -14.21
CA GLU B 66 4.64 -4.06 -14.34
C GLU B 66 5.98 -4.43 -13.69
N GLU B 67 6.96 -3.55 -13.83
CA GLU B 67 8.28 -3.77 -13.26
C GLU B 67 8.21 -3.54 -11.75
N VAL B 68 7.36 -2.63 -11.32
CA VAL B 68 7.19 -2.38 -9.89
C VAL B 68 6.64 -3.67 -9.29
N ASP B 69 5.65 -4.27 -9.97
CA ASP B 69 5.04 -5.52 -9.49
C ASP B 69 6.02 -6.68 -9.41
N ALA B 70 6.93 -6.78 -10.38
CA ALA B 70 7.92 -7.85 -10.37
C ALA B 70 8.83 -7.66 -9.16
N ALA B 71 9.19 -6.40 -8.90
CA ALA B 71 10.04 -6.07 -7.77
C ALA B 71 9.37 -6.50 -6.47
N MET B 72 8.08 -6.22 -6.34
CA MET B 72 7.37 -6.60 -5.12
C MET B 72 7.18 -8.11 -5.02
N ASN B 73 7.08 -8.79 -6.16
CA ASN B 73 6.91 -10.25 -6.15
C ASN B 73 8.21 -10.93 -5.74
N ALA B 74 9.31 -10.18 -5.78
CA ALA B 74 10.62 -10.73 -5.44
C ALA B 74 11.01 -10.57 -3.96
N ARG B 75 10.10 -10.08 -3.12
CA ARG B 75 10.42 -9.95 -1.69
C ARG B 75 10.74 -11.35 -1.18
N PRO B 76 11.57 -11.47 -0.11
CA PRO B 76 12.22 -10.38 0.62
C PRO B 76 13.42 -9.84 -0.16
N HIS B 77 13.72 -8.57 0.04
CA HIS B 77 14.85 -7.94 -0.62
C HIS B 77 15.93 -7.68 0.40
N LYS B 78 17.18 -7.94 0.01
CA LYS B 78 18.32 -7.71 0.88
C LYS B 78 19.22 -6.75 0.12
N VAL B 79 19.47 -5.59 0.71
CA VAL B 79 20.32 -4.59 0.07
C VAL B 79 21.50 -4.27 0.97
N ASP B 80 22.70 -4.46 0.43
CA ASP B 80 23.93 -4.23 1.16
C ASP B 80 23.96 -5.01 2.46
N GLY B 81 23.48 -6.25 2.41
CA GLY B 81 23.46 -7.12 3.58
C GLY B 81 22.37 -6.84 4.60
N ARG B 82 21.40 -6.00 4.23
CA ARG B 82 20.33 -5.63 5.14
C ARG B 82 18.95 -5.86 4.53
N VAL B 83 18.10 -6.55 5.26
CA VAL B 83 16.74 -6.81 4.81
C VAL B 83 16.02 -5.47 4.89
N VAL B 84 15.56 -4.98 3.73
CA VAL B 84 14.85 -3.71 3.70
C VAL B 84 13.36 -3.97 3.47
N GLU B 85 12.55 -2.93 3.54
CA GLU B 85 11.12 -3.10 3.36
C GLU B 85 10.54 -2.24 2.24
N PRO B 86 10.34 -2.84 1.05
CA PRO B 86 9.77 -2.15 -0.12
C PRO B 86 8.28 -1.94 0.06
N LYS B 87 7.79 -0.75 -0.29
CA LYS B 87 6.37 -0.43 -0.15
C LYS B 87 5.89 0.53 -1.24
N ARG B 88 4.64 0.40 -1.65
CA ARG B 88 4.08 1.29 -2.66
C ARG B 88 4.25 2.70 -2.12
N ALA B 89 4.74 3.61 -2.95
CA ALA B 89 4.95 4.98 -2.51
C ALA B 89 3.65 5.73 -2.33
N VAL B 90 3.43 6.22 -1.10
CA VAL B 90 2.24 6.97 -0.75
C VAL B 90 2.53 8.45 -1.04
N SER B 91 1.68 9.09 -1.84
CA SER B 91 1.90 10.50 -2.20
C SER B 91 2.00 11.41 -0.98
N ARG B 92 2.74 12.50 -1.13
CA ARG B 92 2.92 13.48 -0.08
C ARG B 92 1.55 13.89 0.50
N GLU B 93 0.56 14.04 -0.36
CA GLU B 93 -0.79 14.43 0.08
C GLU B 93 -1.42 13.35 0.98
N ASP B 94 -1.42 12.11 0.51
CA ASP B 94 -2.00 11.02 1.29
C ASP B 94 -1.18 10.67 2.52
N SER B 95 0.08 11.07 2.53
CA SER B 95 0.97 10.78 3.66
C SER B 95 0.60 11.57 4.91
N GLN B 96 -0.21 12.61 4.75
CA GLN B 96 -0.62 13.43 5.89
C GLN B 96 -1.76 12.77 6.66
N ARG B 97 -2.40 11.78 6.06
CA ARG B 97 -3.50 11.09 6.71
C ARG B 97 -2.99 10.16 7.80
N PRO B 98 -3.74 10.05 8.92
CA PRO B 98 -3.33 9.18 10.02
C PRO B 98 -3.24 7.72 9.61
N GLY B 99 -2.11 7.09 9.89
CA GLY B 99 -1.91 5.68 9.58
C GLY B 99 -1.69 5.35 8.11
N ALA B 100 -1.48 6.37 7.29
CA ALA B 100 -1.26 6.16 5.86
C ALA B 100 -0.06 5.25 5.57
N HIS B 101 0.89 5.19 6.49
CA HIS B 101 2.09 4.39 6.29
C HIS B 101 2.14 3.09 7.09
N LEU B 102 1.02 2.73 7.71
CA LEU B 102 0.95 1.50 8.49
C LEU B 102 1.01 0.29 7.59
N THR B 103 1.61 -0.80 8.09
CA THR B 103 1.68 -2.04 7.33
C THR B 103 0.48 -2.85 7.81
N VAL B 104 -0.63 -2.77 7.07
CA VAL B 104 -1.84 -3.49 7.45
C VAL B 104 -2.32 -4.44 6.35
N LYS B 105 -3.09 -5.46 6.75
CA LYS B 105 -3.63 -6.43 5.82
C LYS B 105 -5.14 -6.27 5.63
N LYS B 106 -5.74 -5.36 6.40
CA LYS B 106 -7.17 -5.14 6.31
C LYS B 106 -7.51 -3.72 5.86
N ILE B 107 -8.58 -3.61 5.08
CA ILE B 107 -9.05 -2.32 4.57
C ILE B 107 -10.50 -2.08 4.99
N PHE B 108 -10.82 -0.81 5.20
CA PHE B 108 -12.16 -0.38 5.56
C PHE B 108 -12.75 -0.05 4.19
N VAL B 109 -14.00 -0.45 3.96
CA VAL B 109 -14.68 -0.19 2.69
C VAL B 109 -15.96 0.54 3.04
N GLY B 110 -16.00 1.83 2.72
CA GLY B 110 -17.17 2.63 3.06
C GLY B 110 -18.02 3.07 1.89
N GLY B 111 -19.33 3.13 2.13
CA GLY B 111 -20.26 3.56 1.11
C GLY B 111 -20.74 2.46 0.17
N ILE B 112 -20.97 1.26 0.69
CA ILE B 112 -21.49 0.18 -0.15
C ILE B 112 -22.99 0.08 0.07
N LYS B 113 -23.73 -0.23 -0.99
CA LYS B 113 -25.19 -0.35 -0.91
C LYS B 113 -25.61 -1.38 0.13
N GLU B 114 -26.81 -1.20 0.68
CA GLU B 114 -27.31 -2.11 1.69
C GLU B 114 -27.50 -3.54 1.18
N ASP B 115 -27.70 -3.70 -0.12
CA ASP B 115 -27.90 -5.03 -0.67
C ASP B 115 -26.58 -5.64 -1.17
N THR B 116 -25.46 -5.04 -0.78
CA THR B 116 -24.15 -5.54 -1.17
C THR B 116 -23.93 -6.91 -0.50
N GLU B 117 -23.42 -7.86 -1.27
CA GLU B 117 -23.18 -9.21 -0.76
C GLU B 117 -21.69 -9.54 -0.95
N GLU B 118 -21.18 -10.57 -0.27
CA GLU B 118 -19.77 -10.91 -0.37
C GLU B 118 -19.24 -11.11 -1.79
N HIS B 119 -20.01 -11.77 -2.64
CA HIS B 119 -19.53 -11.99 -4.00
C HIS B 119 -19.26 -10.65 -4.70
N HIS B 120 -19.95 -9.61 -4.28
CA HIS B 120 -19.73 -8.29 -4.88
C HIS B 120 -18.33 -7.81 -4.53
N LEU B 121 -17.97 -7.96 -3.26
CA LEU B 121 -16.66 -7.54 -2.77
C LEU B 121 -15.54 -8.37 -3.39
N ARG B 122 -15.77 -9.67 -3.58
CA ARG B 122 -14.76 -10.53 -4.19
C ARG B 122 -14.51 -10.18 -5.65
N ASP B 123 -15.58 -10.03 -6.42
CA ASP B 123 -15.43 -9.71 -7.83
C ASP B 123 -14.58 -8.47 -8.09
N TYR B 124 -14.45 -7.60 -7.10
CA TYR B 124 -13.63 -6.42 -7.27
C TYR B 124 -12.25 -6.56 -6.63
N PHE B 125 -12.23 -7.02 -5.39
CA PHE B 125 -10.99 -7.13 -4.65
C PHE B 125 -10.07 -8.33 -4.90
N GLU B 126 -10.62 -9.49 -5.27
CA GLU B 126 -9.76 -10.66 -5.50
C GLU B 126 -8.63 -10.36 -6.48
N GLN B 127 -8.85 -9.46 -7.43
CA GLN B 127 -7.83 -9.12 -8.41
C GLN B 127 -6.59 -8.51 -7.75
N TYR B 128 -6.73 -8.00 -6.54
CA TYR B 128 -5.58 -7.41 -5.87
C TYR B 128 -4.77 -8.36 -5.01
N GLY B 129 -5.34 -9.53 -4.71
CA GLY B 129 -4.62 -10.50 -3.90
C GLY B 129 -5.51 -11.52 -3.24
N LYS B 130 -4.90 -12.46 -2.54
CA LYS B 130 -5.64 -13.50 -1.85
C LYS B 130 -6.43 -12.89 -0.69
N ILE B 131 -7.72 -13.13 -0.68
CA ILE B 131 -8.60 -12.64 0.38
C ILE B 131 -8.71 -13.71 1.46
N GLU B 132 -8.60 -13.29 2.72
CA GLU B 132 -8.70 -14.21 3.84
C GLU B 132 -10.02 -14.05 4.58
N VAL B 133 -10.48 -12.80 4.72
CA VAL B 133 -11.72 -12.54 5.43
C VAL B 133 -12.53 -11.38 4.85
N ILE B 134 -13.85 -11.55 4.86
CA ILE B 134 -14.77 -10.51 4.38
C ILE B 134 -15.87 -10.36 5.42
N GLU B 135 -16.07 -9.14 5.90
CA GLU B 135 -17.10 -8.88 6.90
C GLU B 135 -17.93 -7.67 6.51
N ILE B 136 -19.20 -7.90 6.19
CA ILE B 136 -20.12 -6.81 5.85
C ILE B 136 -20.75 -6.45 7.19
N MET B 137 -20.53 -5.22 7.65
CA MET B 137 -21.02 -4.81 8.95
C MET B 137 -22.50 -4.48 9.08
N THR B 138 -23.08 -4.94 10.19
CA THR B 138 -24.49 -4.71 10.51
C THR B 138 -24.63 -4.15 11.92
N ASP B 139 -25.78 -3.55 12.20
CA ASP B 139 -26.04 -2.97 13.51
C ASP B 139 -26.31 -4.06 14.54
N ARG B 140 -25.79 -3.88 15.74
CA ARG B 140 -25.97 -4.84 16.83
C ARG B 140 -27.40 -4.71 17.36
N GLY B 141 -28.09 -5.84 17.46
CA GLY B 141 -29.46 -5.81 17.94
C GLY B 141 -30.47 -5.47 16.86
N SER B 142 -30.10 -4.54 15.99
CA SER B 142 -30.99 -4.11 14.90
C SER B 142 -30.89 -5.00 13.66
N GLY B 143 -29.68 -5.44 13.33
CA GLY B 143 -29.49 -6.27 12.16
C GLY B 143 -29.38 -5.44 10.89
N LYS B 144 -29.59 -4.14 11.02
CA LYS B 144 -29.51 -3.22 9.89
C LYS B 144 -28.11 -3.15 9.27
N LYS B 145 -28.05 -3.15 7.95
CA LYS B 145 -26.77 -3.05 7.25
C LYS B 145 -26.27 -1.65 7.56
N ARG B 146 -24.97 -1.50 7.82
CA ARG B 146 -24.43 -0.18 8.15
C ARG B 146 -23.75 0.58 7.01
N GLY B 147 -23.58 -0.05 5.86
CA GLY B 147 -22.96 0.64 4.75
C GLY B 147 -21.44 0.59 4.62
N PHE B 148 -20.81 -0.38 5.27
CA PHE B 148 -19.36 -0.52 5.17
C PHE B 148 -18.96 -1.96 5.48
N ALA B 149 -17.73 -2.33 5.10
CA ALA B 149 -17.24 -3.68 5.34
C ALA B 149 -15.74 -3.69 5.55
N PHE B 150 -15.23 -4.84 5.98
CA PHE B 150 -13.81 -5.02 6.18
C PHE B 150 -13.36 -6.21 5.35
N VAL B 151 -12.28 -6.04 4.61
CA VAL B 151 -11.75 -7.14 3.81
C VAL B 151 -10.30 -7.33 4.22
N THR B 152 -9.96 -8.58 4.53
CA THR B 152 -8.59 -8.91 4.94
C THR B 152 -7.86 -9.73 3.89
N PHE B 153 -6.65 -9.30 3.56
CA PHE B 153 -5.81 -10.00 2.57
C PHE B 153 -4.67 -10.71 3.28
N ASP B 154 -3.97 -11.57 2.56
CA ASP B 154 -2.86 -12.30 3.16
C ASP B 154 -1.50 -11.63 2.91
N ASP B 155 -1.51 -10.49 2.22
CA ASP B 155 -0.28 -9.73 1.90
C ASP B 155 -0.57 -8.24 2.07
N HIS B 156 0.29 -7.54 2.80
CA HIS B 156 0.08 -6.12 3.03
C HIS B 156 0.13 -5.34 1.74
N ASP B 157 0.86 -5.85 0.75
CA ASP B 157 0.98 -5.17 -0.53
C ASP B 157 -0.35 -5.14 -1.29
N SER B 158 -1.23 -6.10 -1.03
CA SER B 158 -2.53 -6.12 -1.69
C SER B 158 -3.30 -4.87 -1.25
N VAL B 159 -3.18 -4.54 0.03
CA VAL B 159 -3.84 -3.36 0.58
C VAL B 159 -3.24 -2.08 0.01
N ASP B 160 -1.92 -1.95 0.05
CA ASP B 160 -1.26 -0.75 -0.47
C ASP B 160 -1.59 -0.53 -1.95
N LYS B 161 -1.61 -1.61 -2.73
CA LYS B 161 -1.94 -1.51 -4.15
C LYS B 161 -3.32 -0.90 -4.34
N ILE B 162 -4.21 -1.18 -3.39
CA ILE B 162 -5.58 -0.68 -3.43
C ILE B 162 -5.72 0.77 -3.00
N VAL B 163 -5.23 1.08 -1.81
CA VAL B 163 -5.36 2.42 -1.27
C VAL B 163 -4.66 3.52 -2.07
N ILE B 164 -3.74 3.16 -2.95
CA ILE B 164 -3.07 4.17 -3.74
C ILE B 164 -3.90 4.54 -4.98
N GLN B 165 -4.92 3.74 -5.28
CA GLN B 165 -5.80 4.03 -6.42
C GLN B 165 -6.93 4.94 -5.90
N LYS B 166 -7.55 5.73 -6.77
CA LYS B 166 -8.59 6.63 -6.31
C LYS B 166 -10.00 6.06 -6.27
N TYR B 167 -10.39 5.30 -7.30
CA TYR B 167 -11.74 4.74 -7.36
C TYR B 167 -11.79 3.22 -7.27
N HIS B 168 -12.87 2.71 -6.68
CA HIS B 168 -13.08 1.28 -6.49
C HIS B 168 -14.57 1.03 -6.70
N THR B 169 -14.93 0.22 -7.69
CA THR B 169 -16.33 -0.05 -8.00
C THR B 169 -16.83 -1.39 -7.43
N VAL B 170 -17.77 -1.31 -6.51
CA VAL B 170 -18.35 -2.48 -5.85
C VAL B 170 -19.89 -2.47 -5.92
N ASN B 171 -20.46 -3.58 -6.36
CA ASN B 171 -21.91 -3.69 -6.48
C ASN B 171 -22.43 -2.54 -7.35
N GLY B 172 -21.73 -2.28 -8.45
CA GLY B 172 -22.10 -1.24 -9.39
C GLY B 172 -21.72 0.22 -9.11
N HIS B 173 -21.26 0.53 -7.91
CA HIS B 173 -20.94 1.91 -7.61
C HIS B 173 -19.63 2.13 -6.86
N ASN B 174 -19.11 3.34 -6.95
CA ASN B 174 -17.87 3.69 -6.29
C ASN B 174 -18.01 3.60 -4.77
N CYS B 175 -16.94 3.19 -4.12
CA CYS B 175 -16.90 3.11 -2.69
C CYS B 175 -15.53 3.61 -2.26
N GLU B 176 -15.43 4.09 -1.04
CA GLU B 176 -14.17 4.61 -0.52
C GLU B 176 -13.44 3.51 0.21
N VAL B 177 -12.14 3.39 -0.04
CA VAL B 177 -11.34 2.36 0.61
C VAL B 177 -10.13 2.94 1.33
N ARG B 178 -9.98 2.60 2.60
CA ARG B 178 -8.84 3.06 3.38
C ARG B 178 -8.27 1.94 4.22
N LYS B 179 -7.04 2.13 4.71
CA LYS B 179 -6.40 1.15 5.56
C LYS B 179 -7.22 1.10 6.83
N ALA B 180 -7.49 -0.09 7.33
CA ALA B 180 -8.27 -0.23 8.56
C ALA B 180 -7.47 0.20 9.78
N LEU B 181 -8.08 1.03 10.62
CA LEU B 181 -7.44 1.50 11.84
C LEU B 181 -8.12 0.84 13.04
N SER B 182 -7.34 0.52 14.07
CA SER B 182 -7.90 -0.12 15.25
C SER B 182 -8.79 0.86 16.01
N LYS B 183 -9.54 0.32 16.98
CA LYS B 183 -10.43 1.13 17.80
C LYS B 183 -9.64 2.27 18.42
N GLN B 184 -8.45 1.95 18.91
CA GLN B 184 -7.59 2.94 19.54
C GLN B 184 -6.92 3.88 18.52
N GLU B 185 -6.55 3.35 17.37
CA GLU B 185 -5.93 4.19 16.35
C GLU B 185 -6.98 5.17 15.84
N MET B 186 -8.23 4.71 15.79
CA MET B 186 -9.34 5.55 15.35
C MET B 186 -9.54 6.71 16.33
N ALA B 187 -9.55 6.39 17.61
CA ALA B 187 -9.76 7.37 18.67
C ALA B 187 -8.68 8.45 18.74
N SER B 188 -7.42 8.03 18.65
CA SER B 188 -6.33 9.01 18.72
C SER B 188 -6.24 9.83 17.44
N ALA B 189 -6.93 9.38 16.39
CA ALA B 189 -6.93 10.08 15.11
C ALA B 189 -8.06 11.10 15.05
N SER B 190 -9.05 10.95 15.93
CA SER B 190 -10.19 11.85 15.99
C SER B 190 -9.79 13.24 16.48
#